data_5UTE
#
_entry.id   5UTE
#
_cell.length_a   68.330
_cell.length_b   93.328
_cell.length_c   119.147
_cell.angle_alpha   90.000
_cell.angle_beta   90.000
_cell.angle_gamma   90.000
#
_symmetry.space_group_name_H-M   'I 2 2 2'
#
loop_
_entity.id
_entity.type
_entity.pdbx_description
1 polymer 'ORF 17'
2 non-polymer '4-{[6-(cyclohexylmethyl)pyridine-2-carbonyl]amino}-3-[(4-methoxyphenyl)amino]benzoic acid'
3 water water
#
_entity_poly.entity_id   1
_entity_poly.type   'polypeptide(L)'
_entity_poly.pdbx_seq_one_letter_code
;GLYVGGFVDVVSCPKLEQELYLDPDQVTDYLPVTEPLPITIEHLPETEVGWTLGLFQVSHGIFCTGAITSPAFLELASRL
ADTSHVARAPVKNLPKEPLLEILHTWLPGLSLSSIHPRELSQTPSGPVFQHVSLCALGRRRGTVAVYGHDAEWVVSRFSS
VSKSERAHILQHVSSCRLEDLSTPNFVSPLETL
;
_entity_poly.pdbx_strand_id   A,B
#
loop_
_chem_comp.id
_chem_comp.type
_chem_comp.name
_chem_comp.formula
8M4 non-polymer '4-{[6-(cyclohexylmethyl)pyridine-2-carbonyl]amino}-3-[(4-methoxyphenyl)amino]benzoic acid' 'C27 H29 N3 O4'
#
# COMPACT_ATOMS: atom_id res chain seq x y z
N GLY A 1 13.69 -16.42 -0.10
CA GLY A 1 12.88 -15.54 0.73
C GLY A 1 12.85 -16.09 2.15
N LEU A 2 12.83 -15.17 3.12
CA LEU A 2 12.74 -15.42 4.54
C LEU A 2 11.35 -15.01 5.04
N TYR A 3 10.96 -15.59 6.17
CA TYR A 3 9.80 -15.14 6.93
C TYR A 3 10.28 -14.38 8.16
N VAL A 4 9.51 -13.38 8.56
CA VAL A 4 9.75 -12.75 9.85
C VAL A 4 8.45 -12.83 10.67
N GLY A 5 8.62 -12.90 11.98
CA GLY A 5 7.48 -12.98 12.88
C GLY A 5 7.80 -12.25 14.17
N GLY A 6 6.79 -11.64 14.77
CA GLY A 6 7.02 -10.94 16.02
C GLY A 6 5.85 -10.08 16.46
N PHE A 7 5.91 -9.68 17.73
CA PHE A 7 4.98 -8.71 18.28
C PHE A 7 5.43 -7.29 17.95
N VAL A 8 4.46 -6.43 17.62
CA VAL A 8 4.75 -5.07 17.20
C VAL A 8 4.55 -4.11 18.36
N ASP A 9 5.43 -3.10 18.44
CA ASP A 9 5.05 -1.81 18.99
C ASP A 9 4.12 -1.10 18.00
N VAL A 10 3.11 -0.41 18.51
CA VAL A 10 2.21 0.33 17.62
C VAL A 10 2.56 1.81 17.73
N VAL A 11 2.91 2.42 16.63
CA VAL A 11 3.55 3.72 16.63
C VAL A 11 2.90 4.62 15.58
N SER A 12 2.78 5.93 15.85
CA SER A 12 2.12 6.81 14.88
C SER A 12 3.09 7.60 14.02
N CYS A 13 4.40 7.53 14.29
CA CYS A 13 5.40 8.22 13.49
C CYS A 13 5.13 9.73 13.33
N PRO A 14 4.99 10.46 14.43
CA PRO A 14 4.59 11.87 14.32
C PRO A 14 5.71 12.76 13.74
N LYS A 15 5.27 13.76 12.98
CA LYS A 15 6.18 14.77 12.43
C LYS A 15 6.80 15.63 13.53
N LEU A 16 5.96 16.28 14.33
CA LEU A 16 6.48 17.23 15.32
C LEU A 16 7.07 16.49 16.52
N GLU A 17 6.27 15.69 17.22
CA GLU A 17 6.79 14.96 18.37
C GLU A 17 7.87 13.98 17.89
N GLN A 18 8.62 13.46 18.85
CA GLN A 18 9.63 12.46 18.52
C GLN A 18 9.01 11.08 18.30
N GLU A 19 8.08 10.66 19.17
CA GLU A 19 7.39 9.41 18.91
C GLU A 19 6.16 9.27 19.80
N LEU A 20 5.17 8.56 19.28
CA LEU A 20 3.97 8.23 20.03
C LEU A 20 3.79 6.73 20.00
N TYR A 21 3.74 6.10 21.17
CA TYR A 21 3.51 4.66 21.28
C TYR A 21 2.06 4.46 21.71
N LEU A 22 1.28 3.85 20.83
CA LEU A 22 -0.13 3.58 21.10
C LEU A 22 -0.31 2.35 22.00
N ASP A 23 -1.34 2.41 22.85
CA ASP A 23 -1.82 1.19 23.48
C ASP A 23 -2.49 0.30 22.42
N PRO A 24 -2.13 -0.98 22.36
CA PRO A 24 -2.71 -1.87 21.33
C PRO A 24 -4.23 -1.83 21.26
N ASP A 25 -4.91 -1.61 22.41
CA ASP A 25 -6.37 -1.62 22.41
C ASP A 25 -6.91 -0.47 21.59
N GLN A 26 -6.07 0.49 21.24
CA GLN A 26 -6.52 1.63 20.45
C GLN A 26 -6.70 1.26 18.99
N VAL A 27 -6.19 0.12 18.55
CA VAL A 27 -6.26 -0.27 17.15
C VAL A 27 -6.84 -1.66 16.95
N THR A 28 -7.20 -2.37 18.02
CA THR A 28 -7.57 -3.77 17.78
C THR A 28 -8.87 -3.89 17.02
N ASP A 29 -9.70 -2.84 17.01
CA ASP A 29 -10.94 -2.84 16.21
C ASP A 29 -10.66 -2.88 14.72
N TYR A 30 -9.47 -2.46 14.30
CA TYR A 30 -9.12 -2.47 12.89
C TYR A 30 -8.30 -3.70 12.53
N LEU A 31 -8.25 -4.70 13.40
CA LEU A 31 -7.51 -5.92 13.16
C LEU A 31 -8.57 -6.99 12.91
N PRO A 32 -8.22 -8.05 12.16
CA PRO A 32 -6.86 -8.30 11.69
C PRO A 32 -6.54 -7.57 10.43
N VAL A 33 -5.26 -7.44 10.10
CA VAL A 33 -4.83 -6.97 8.80
C VAL A 33 -4.51 -8.19 7.93
N THR A 34 -5.28 -8.37 6.86
CA THR A 34 -5.15 -9.54 5.99
C THR A 34 -4.84 -9.12 4.57
N GLU A 35 -4.40 -7.89 4.36
CA GLU A 35 -3.90 -7.41 3.08
C GLU A 35 -2.43 -7.01 3.24
N PRO A 36 -1.60 -7.13 2.21
CA PRO A 36 -0.15 -6.89 2.42
C PRO A 36 0.13 -5.42 2.72
N LEU A 37 0.97 -5.19 3.72
CA LEU A 37 1.55 -3.88 3.94
C LEU A 37 3.05 -3.91 3.66
N PRO A 38 3.62 -2.86 3.12
CA PRO A 38 5.07 -2.80 2.95
C PRO A 38 5.76 -3.04 4.28
N ILE A 39 6.86 -3.82 4.22
CA ILE A 39 7.83 -3.90 5.32
C ILE A 39 9.03 -3.10 4.89
N THR A 40 9.38 -2.10 5.70
CA THR A 40 10.50 -1.20 5.46
C THR A 40 11.50 -1.27 6.62
N ILE A 41 12.61 -0.55 6.46
CA ILE A 41 13.62 -0.39 7.50
C ILE A 41 13.44 0.98 8.18
N GLU A 42 13.20 0.95 9.49
CA GLU A 42 13.16 2.17 10.30
C GLU A 42 12.23 3.20 9.65
N HIS A 43 11.07 2.72 9.17
CA HIS A 43 10.04 3.62 8.64
C HIS A 43 10.56 4.44 7.43
N LEU A 44 11.55 3.95 6.67
CA LEU A 44 11.97 4.68 5.47
C LEU A 44 11.27 4.11 4.25
N PRO A 45 10.45 4.90 3.54
CA PRO A 45 9.61 4.31 2.48
C PRO A 45 10.42 3.80 1.28
N GLU A 46 11.62 4.31 1.05
CA GLU A 46 12.51 3.82 0.02
C GLU A 46 13.30 2.57 0.45
N THR A 47 12.97 1.94 1.57
CA THR A 47 13.69 0.73 1.99
C THR A 47 12.76 -0.48 2.11
N GLU A 48 11.77 -0.60 1.25
CA GLU A 48 10.91 -1.78 1.27
C GLU A 48 11.74 -3.03 1.05
N VAL A 49 11.61 -4.00 1.96
CA VAL A 49 12.26 -5.31 1.82
C VAL A 49 11.28 -6.46 1.67
N GLY A 50 9.99 -6.22 1.81
CA GLY A 50 9.02 -7.31 1.72
C GLY A 50 7.63 -6.83 2.09
N TRP A 51 6.80 -7.78 2.53
CA TRP A 51 5.38 -7.51 2.64
C TRP A 51 4.84 -8.26 3.84
N THR A 52 3.94 -7.65 4.59
CA THR A 52 3.30 -8.41 5.67
C THR A 52 2.39 -9.52 5.12
N LEU A 53 2.28 -10.59 5.93
CA LEU A 53 1.45 -11.75 5.69
C LEU A 53 0.47 -11.92 6.84
N GLY A 54 -0.04 -10.81 7.37
CA GLY A 54 -1.03 -10.88 8.43
C GLY A 54 -0.62 -10.19 9.72
N LEU A 55 -1.54 -9.41 10.31
CA LEU A 55 -1.40 -8.88 11.66
C LEU A 55 -2.65 -9.28 12.43
N PHE A 56 -2.46 -9.96 13.56
CA PHE A 56 -3.53 -10.56 14.32
C PHE A 56 -3.43 -10.20 15.77
N GLN A 57 -4.57 -9.88 16.37
CA GLN A 57 -4.63 -9.75 17.81
C GLN A 57 -4.59 -11.14 18.45
N VAL A 58 -3.55 -11.42 19.21
CA VAL A 58 -3.55 -12.65 19.99
C VAL A 58 -3.54 -12.23 21.46
N SER A 59 -3.57 -13.20 22.37
CA SER A 59 -3.69 -12.92 23.79
C SER A 59 -2.56 -12.01 24.32
N HIS A 60 -1.35 -12.15 23.78
CA HIS A 60 -0.20 -11.43 24.33
C HIS A 60 0.24 -10.24 23.45
N GLY A 61 -0.58 -9.85 22.48
CA GLY A 61 -0.42 -8.58 21.79
C GLY A 61 -0.83 -8.71 20.34
N ILE A 62 -0.24 -7.86 19.50
CA ILE A 62 -0.53 -7.86 18.09
C ILE A 62 0.65 -8.53 17.38
N PHE A 63 0.42 -9.69 16.76
CA PHE A 63 1.50 -10.47 16.16
C PHE A 63 1.53 -10.21 14.66
N CYS A 64 2.74 -10.04 14.11
CA CYS A 64 2.89 -9.87 12.67
C CYS A 64 3.74 -10.99 12.11
N THR A 65 3.31 -11.56 11.00
CA THR A 65 4.23 -12.36 10.21
C THR A 65 4.44 -11.64 8.88
N GLY A 66 5.64 -11.78 8.32
CA GLY A 66 5.92 -11.16 7.04
C GLY A 66 6.91 -11.95 6.21
N ALA A 67 7.00 -11.58 4.93
CA ALA A 67 7.93 -12.18 4.00
C ALA A 67 8.97 -11.15 3.61
N ILE A 68 10.25 -11.50 3.76
CA ILE A 68 11.34 -10.68 3.25
C ILE A 68 11.62 -11.22 1.87
N THR A 69 11.30 -10.43 0.83
CA THR A 69 11.36 -10.88 -0.56
C THR A 69 12.29 -10.06 -1.44
N SER A 70 12.83 -8.95 -0.97
CA SER A 70 13.65 -8.13 -1.84
C SER A 70 14.92 -8.85 -2.25
N PRO A 71 15.16 -9.11 -3.54
CA PRO A 71 16.42 -9.76 -3.94
C PRO A 71 17.66 -8.98 -3.53
N ALA A 72 17.68 -7.65 -3.70
CA ALA A 72 18.88 -6.91 -3.33
C ALA A 72 19.12 -6.99 -1.82
N PHE A 73 18.05 -6.96 -1.02
CA PHE A 73 18.21 -7.05 0.42
C PHE A 73 18.77 -8.44 0.82
N LEU A 74 18.09 -9.51 0.41
CA LEU A 74 18.52 -10.86 0.82
C LEU A 74 19.92 -11.19 0.32
N GLU A 75 20.23 -10.89 -0.93
CA GLU A 75 21.59 -11.13 -1.41
C GLU A 75 22.61 -10.33 -0.60
N LEU A 76 22.33 -9.05 -0.30
CA LEU A 76 23.32 -8.28 0.45
C LEU A 76 23.44 -8.81 1.88
N ALA A 77 22.31 -9.09 2.53
CA ALA A 77 22.35 -9.50 3.92
C ALA A 77 23.01 -10.88 4.07
N SER A 78 22.78 -11.74 3.06
CA SER A 78 23.34 -13.07 3.03
C SER A 78 24.85 -13.02 2.82
N ARG A 79 25.32 -12.16 1.92
CA ARG A 79 26.74 -11.95 1.73
C ARG A 79 27.39 -11.40 3.02
N LEU A 80 26.77 -10.38 3.64
CA LEU A 80 27.36 -9.86 4.88
C LEU A 80 27.37 -10.91 5.98
N ALA A 81 26.33 -11.74 6.07
CA ALA A 81 26.28 -12.71 7.16
C ALA A 81 27.43 -13.71 7.06
N ASP A 82 27.92 -13.98 5.85
CA ASP A 82 28.98 -14.97 5.65
C ASP A 82 30.36 -14.35 5.64
N THR A 83 30.47 -13.03 5.43
CA THR A 83 31.77 -12.42 5.19
C THR A 83 32.10 -11.19 5.99
N SER A 84 31.16 -10.58 6.70
CA SER A 84 31.41 -9.30 7.36
C SER A 84 31.69 -9.48 8.84
N HIS A 85 32.90 -9.11 9.29
CA HIS A 85 33.21 -9.22 10.72
C HIS A 85 32.29 -8.31 11.56
N VAL A 86 31.98 -7.11 11.04
CA VAL A 86 31.12 -6.16 11.74
C VAL A 86 29.74 -6.76 11.97
N ALA A 87 29.11 -7.30 10.93
CA ALA A 87 27.76 -7.87 11.08
C ALA A 87 27.74 -9.00 12.11
N ARG A 88 28.81 -9.81 12.15
CA ARG A 88 28.84 -10.98 13.03
C ARG A 88 29.29 -10.66 14.44
N ALA A 89 29.82 -9.46 14.67
CA ALA A 89 30.39 -9.16 15.98
C ALA A 89 29.38 -9.26 17.11
N PRO A 90 28.15 -8.79 16.98
CA PRO A 90 27.24 -8.90 18.14
C PRO A 90 26.57 -10.24 18.24
N VAL A 91 26.88 -11.16 17.39
CA VAL A 91 26.21 -12.45 17.37
C VAL A 91 27.12 -13.49 18.01
N LYS A 92 26.51 -14.55 18.57
CA LYS A 92 27.28 -15.70 19.06
C LYS A 92 28.24 -16.24 17.99
N ASN A 93 29.36 -16.81 18.42
CA ASN A 93 30.33 -17.34 17.45
C ASN A 93 29.78 -18.53 16.65
N LEU A 94 30.08 -18.56 15.37
CA LEU A 94 29.83 -19.74 14.54
C LEU A 94 28.39 -20.19 14.52
N PRO A 95 27.43 -19.27 14.33
CA PRO A 95 26.01 -19.69 14.22
C PRO A 95 25.77 -20.59 13.02
N LYS A 96 24.91 -21.58 13.19
CA LYS A 96 24.56 -22.42 12.06
C LYS A 96 23.88 -21.62 10.96
N GLU A 97 23.03 -20.64 11.31
CA GLU A 97 22.29 -19.88 10.32
C GLU A 97 22.66 -18.40 10.44
N PRO A 98 23.85 -18.00 9.98
CA PRO A 98 24.31 -16.63 10.26
C PRO A 98 23.34 -15.54 9.79
N LEU A 99 22.71 -15.71 8.62
CA LEU A 99 21.80 -14.68 8.15
C LEU A 99 20.64 -14.51 9.12
N LEU A 100 20.04 -15.62 9.56
CA LEU A 100 18.96 -15.49 10.52
C LEU A 100 19.45 -14.87 11.82
N GLU A 101 20.65 -15.26 12.28
CA GLU A 101 21.12 -14.69 13.56
C GLU A 101 21.38 -13.19 13.43
N ILE A 102 21.93 -12.77 12.30
CA ILE A 102 22.27 -11.38 12.09
C ILE A 102 21.01 -10.51 12.03
N LEU A 103 19.97 -10.97 11.34
CA LEU A 103 18.76 -10.16 11.27
C LEU A 103 18.13 -10.07 12.65
N HIS A 104 18.12 -11.20 13.37
CA HIS A 104 17.57 -11.31 14.70
C HIS A 104 18.21 -10.32 15.67
N THR A 105 19.51 -10.12 15.55
CA THR A 105 20.08 -9.19 16.53
C THR A 105 20.15 -7.75 16.01
N TRP A 106 20.37 -7.54 14.72
CA TRP A 106 20.48 -6.17 14.21
C TRP A 106 19.10 -5.50 14.00
N LEU A 107 18.08 -6.28 13.64
CA LEU A 107 16.72 -5.77 13.41
C LEU A 107 15.75 -6.49 14.34
N PRO A 108 15.88 -6.29 15.65
CA PRO A 108 15.07 -7.08 16.61
C PRO A 108 13.65 -6.55 16.82
N GLY A 109 13.35 -5.31 16.44
CA GLY A 109 12.06 -4.70 16.74
C GLY A 109 11.17 -4.65 15.49
N LEU A 110 9.90 -5.06 15.67
CA LEU A 110 8.85 -4.83 14.69
C LEU A 110 7.95 -3.67 15.15
N SER A 111 7.75 -2.66 14.29
CA SER A 111 6.84 -1.56 14.63
C SER A 111 5.75 -1.42 13.56
N LEU A 112 4.52 -1.33 14.03
CA LEU A 112 3.36 -1.15 13.17
C LEU A 112 2.98 0.34 13.14
N SER A 113 2.96 0.93 11.95
CA SER A 113 2.69 2.35 11.83
C SER A 113 1.20 2.54 11.57
N SER A 114 0.59 3.37 12.40
CA SER A 114 -0.84 3.61 12.45
C SER A 114 -1.09 5.11 12.33
N ILE A 115 -2.33 5.46 11.92
CA ILE A 115 -2.74 6.87 12.01
C ILE A 115 -2.79 7.30 13.47
N HIS A 116 -2.85 8.62 13.67
CA HIS A 116 -2.94 9.17 15.02
C HIS A 116 -4.21 8.70 15.74
N PRO A 117 -4.12 8.50 17.06
CA PRO A 117 -5.29 7.99 17.80
C PRO A 117 -6.51 8.89 17.73
N ARG A 118 -6.33 10.20 17.58
CA ARG A 118 -7.48 11.09 17.43
C ARG A 118 -8.33 10.67 16.25
N GLU A 119 -7.69 10.19 15.18
CA GLU A 119 -8.43 9.67 14.05
C GLU A 119 -9.06 8.31 14.38
N LEU A 120 -8.44 7.54 15.27
CA LEU A 120 -8.85 6.16 15.54
C LEU A 120 -10.20 6.08 16.23
N SER A 121 -10.75 7.22 16.63
CA SER A 121 -12.05 7.26 17.30
C SER A 121 -12.96 8.40 16.82
N GLN A 122 -13.64 8.23 15.69
CA GLN A 122 -13.53 7.01 14.91
C GLN A 122 -14.08 7.21 13.51
N THR A 123 -14.44 6.10 12.89
CA THR A 123 -14.78 6.08 11.48
C THR A 123 -13.67 6.78 10.66
N PRO A 124 -12.48 6.18 10.55
CA PRO A 124 -11.47 6.75 9.67
C PRO A 124 -11.89 6.61 8.21
N SER A 125 -11.42 7.57 7.41
CA SER A 125 -11.77 7.65 6.01
C SER A 125 -11.06 6.56 5.20
N GLY A 126 -9.74 6.40 5.39
CA GLY A 126 -8.98 5.41 4.68
C GLY A 126 -8.15 4.53 5.60
N PRO A 127 -7.16 3.81 5.04
CA PRO A 127 -6.48 2.75 5.82
C PRO A 127 -5.89 3.26 7.13
N VAL A 128 -6.07 2.47 8.18
CA VAL A 128 -5.56 2.80 9.51
C VAL A 128 -4.02 2.63 9.62
N PHE A 129 -3.45 1.68 8.89
CA PHE A 129 -2.03 1.33 8.99
C PHE A 129 -1.32 1.60 7.67
N GLN A 130 -0.09 2.10 7.76
CA GLN A 130 0.72 2.38 6.59
C GLN A 130 1.79 1.33 6.32
N HIS A 131 2.43 0.76 7.34
CA HIS A 131 3.56 -0.12 7.05
C HIS A 131 4.01 -0.82 8.33
N VAL A 132 4.81 -1.84 8.16
CA VAL A 132 5.51 -2.41 9.29
C VAL A 132 7.01 -2.19 9.05
N SER A 133 7.75 -1.86 10.11
CA SER A 133 9.17 -1.64 9.97
C SER A 133 9.95 -2.59 10.87
N LEU A 134 11.04 -3.11 10.30
CA LEU A 134 12.14 -3.69 11.04
C LEU A 134 13.01 -2.58 11.63
N CYS A 135 13.22 -2.58 12.96
CA CYS A 135 13.88 -1.48 13.64
C CYS A 135 15.10 -1.94 14.42
N ALA A 136 16.11 -1.05 14.45
CA ALA A 136 17.30 -1.25 15.29
C ALA A 136 17.20 -0.52 16.63
N LEU A 137 16.39 0.55 16.72
CA LEU A 137 16.20 1.35 17.93
C LEU A 137 14.72 1.49 18.23
N GLY A 138 14.40 1.91 19.46
CA GLY A 138 13.06 2.40 19.77
C GLY A 138 12.08 1.35 20.24
N ARG A 139 12.58 0.21 20.71
CA ARG A 139 11.75 -0.90 21.16
C ARG A 139 11.25 -0.63 22.59
N ARG A 140 9.94 -0.79 22.82
CA ARG A 140 9.40 -0.65 24.17
C ARG A 140 8.93 -1.99 24.72
N ARG A 141 8.08 -2.73 24.01
CA ARG A 141 7.54 -3.92 24.63
C ARG A 141 8.59 -5.03 24.60
N GLY A 142 8.28 -6.12 25.29
CA GLY A 142 9.17 -7.26 25.34
C GLY A 142 9.03 -8.17 24.14
N THR A 143 9.92 -9.15 24.06
CA THR A 143 9.94 -10.04 22.91
C THR A 143 10.67 -9.38 21.74
N VAL A 144 11.40 -10.16 20.90
CA VAL A 144 12.03 -9.60 19.72
C VAL A 144 11.66 -10.44 18.50
N ALA A 145 12.04 -9.95 17.33
CA ALA A 145 11.67 -10.56 16.07
C ALA A 145 12.48 -11.84 15.81
N VAL A 146 11.82 -12.79 15.16
CA VAL A 146 12.42 -14.06 14.72
C VAL A 146 12.38 -14.15 13.20
N TYR A 147 13.52 -14.53 12.61
CA TYR A 147 13.64 -14.68 11.16
C TYR A 147 13.89 -16.14 10.82
N GLY A 148 13.28 -16.63 9.73
CA GLY A 148 13.46 -18.03 9.41
C GLY A 148 13.00 -18.36 8.01
N HIS A 149 13.27 -19.59 7.61
CA HIS A 149 12.99 -20.03 6.25
C HIS A 149 11.62 -20.65 6.10
N ASP A 150 10.93 -20.89 7.20
CA ASP A 150 9.65 -21.56 7.24
C ASP A 150 8.78 -20.84 8.26
N ALA A 151 7.57 -20.43 7.87
CA ALA A 151 6.72 -19.63 8.75
C ALA A 151 6.31 -20.40 10.01
N GLU A 152 5.94 -21.67 9.87
CA GLU A 152 5.57 -22.42 11.06
C GLU A 152 6.70 -22.44 12.09
N TRP A 153 7.93 -22.65 11.65
CA TRP A 153 9.04 -22.60 12.59
C TRP A 153 9.14 -21.22 13.25
N VAL A 154 9.04 -20.15 12.44
CA VAL A 154 9.11 -18.79 13.01
C VAL A 154 8.07 -18.61 14.11
N VAL A 155 6.81 -18.89 13.81
CA VAL A 155 5.72 -18.66 14.75
C VAL A 155 5.84 -19.60 15.96
N SER A 156 6.31 -20.83 15.75
CA SER A 156 6.38 -21.71 16.89
C SER A 156 7.54 -21.38 17.82
N ARG A 157 8.44 -20.47 17.45
CA ARG A 157 9.43 -20.00 18.42
C ARG A 157 8.78 -19.22 19.55
N PHE A 158 7.59 -18.67 19.37
CA PHE A 158 6.98 -17.79 20.36
C PHE A 158 6.13 -18.60 21.31
N SER A 159 6.69 -18.91 22.48
CA SER A 159 5.99 -19.72 23.45
C SER A 159 4.73 -19.06 23.97
N SER A 160 4.65 -17.72 23.93
CA SER A 160 3.44 -17.03 24.38
C SER A 160 2.32 -17.03 23.34
N VAL A 161 2.53 -17.59 22.16
CA VAL A 161 1.50 -17.71 21.12
C VAL A 161 1.01 -19.16 21.16
N SER A 162 -0.28 -19.35 21.44
CA SER A 162 -0.84 -20.69 21.64
C SER A 162 -0.94 -21.48 20.33
N LYS A 163 -1.22 -22.78 20.48
CA LYS A 163 -1.36 -23.63 19.31
C LYS A 163 -2.53 -23.16 18.45
N SER A 164 -3.66 -22.84 19.06
CA SER A 164 -4.79 -22.33 18.26
C SER A 164 -4.43 -21.01 17.59
N GLU A 165 -3.77 -20.10 18.32
CA GLU A 165 -3.38 -18.83 17.70
C GLU A 165 -2.41 -19.06 16.54
N ARG A 166 -1.44 -19.94 16.73
CA ARG A 166 -0.49 -20.23 15.65
C ARG A 166 -1.19 -20.83 14.42
N ALA A 167 -2.13 -21.77 14.61
CA ALA A 167 -2.84 -22.33 13.45
C ALA A 167 -3.61 -21.24 12.70
N HIS A 168 -4.21 -20.30 13.44
CA HIS A 168 -4.95 -19.21 12.80
C HIS A 168 -4.00 -18.30 12.00
N ILE A 169 -2.88 -17.89 12.61
CA ILE A 169 -1.86 -17.13 11.89
C ILE A 169 -1.42 -17.89 10.64
N LEU A 170 -1.14 -19.20 10.78
CA LEU A 170 -0.52 -19.95 9.69
C LEU A 170 -1.48 -20.19 8.54
N GLN A 171 -2.77 -20.31 8.84
CA GLN A 171 -3.77 -20.36 7.78
C GLN A 171 -3.67 -19.12 6.89
N HIS A 172 -3.65 -17.93 7.50
CA HIS A 172 -3.53 -16.75 6.65
C HIS A 172 -2.21 -16.75 5.85
N VAL A 173 -1.09 -17.05 6.51
CA VAL A 173 0.19 -17.06 5.80
C VAL A 173 0.11 -17.96 4.56
N SER A 174 -0.44 -19.15 4.73
CA SER A 174 -0.47 -20.11 3.64
C SER A 174 -1.38 -19.66 2.51
N SER A 175 -2.42 -18.88 2.81
CA SER A 175 -3.32 -18.43 1.78
C SER A 175 -2.73 -17.31 0.92
N CYS A 176 -1.52 -16.84 1.22
CA CYS A 176 -0.92 -15.71 0.49
C CYS A 176 -0.03 -16.23 -0.63
N ARG A 177 -0.28 -15.78 -1.85
CA ARG A 177 0.54 -16.20 -3.00
C ARG A 177 1.78 -15.29 -3.08
N LEU A 178 2.92 -15.79 -2.59
CA LEU A 178 4.10 -14.93 -2.50
C LEU A 178 4.50 -14.39 -3.86
N GLU A 179 4.33 -15.21 -4.91
CA GLU A 179 4.74 -14.85 -6.26
C GLU A 179 4.06 -13.59 -6.76
N ASP A 180 2.82 -13.36 -6.34
CA ASP A 180 2.02 -12.25 -6.82
C ASP A 180 2.39 -10.90 -6.22
N LEU A 181 3.29 -10.86 -5.22
CA LEU A 181 3.67 -9.60 -4.60
C LEU A 181 4.70 -8.91 -5.47
N SER A 182 4.51 -7.62 -5.71
CA SER A 182 5.51 -6.85 -6.42
C SER A 182 6.87 -6.88 -5.71
N THR A 183 7.88 -6.62 -6.47
CA THR A 183 9.21 -6.45 -5.92
C THR A 183 9.28 -5.23 -5.02
N PRO A 184 9.72 -5.35 -3.78
CA PRO A 184 9.87 -4.17 -2.94
C PRO A 184 10.93 -3.25 -3.52
N ASN A 185 10.97 -2.01 -3.04
CA ASN A 185 11.84 -1.04 -3.68
C ASN A 185 13.24 -0.96 -3.08
N PHE A 186 13.59 -1.74 -2.04
CA PHE A 186 14.94 -1.64 -1.47
C PHE A 186 16.00 -1.65 -2.55
N VAL A 187 16.93 -0.70 -2.45
CA VAL A 187 18.15 -0.61 -3.25
C VAL A 187 19.35 -0.80 -2.34
N SER A 188 20.34 -1.59 -2.79
CA SER A 188 21.57 -1.78 -2.03
C SER A 188 22.27 -0.46 -1.79
N PRO A 189 22.51 -0.07 -0.53
CA PRO A 189 23.12 1.24 -0.29
C PRO A 189 24.51 1.36 -0.89
N LEU A 190 25.12 0.25 -1.35
CA LEU A 190 26.40 0.31 -2.04
C LEU A 190 26.27 0.85 -3.45
N GLU A 191 25.13 0.61 -4.11
CA GLU A 191 24.77 1.21 -5.40
C GLU A 191 24.32 2.64 -5.22
N GLY B 1 5.62 8.34 -14.89
CA GLY B 1 4.55 8.54 -13.92
C GLY B 1 3.49 9.52 -14.41
N LEU B 2 2.22 9.12 -14.30
CA LEU B 2 1.09 9.90 -14.78
C LEU B 2 0.27 10.42 -13.61
N TYR B 3 -0.52 11.43 -13.90
CA TYR B 3 -1.59 11.90 -13.04
C TYR B 3 -2.93 11.50 -13.62
N VAL B 4 -3.86 11.19 -12.73
CA VAL B 4 -5.23 10.92 -13.10
C VAL B 4 -6.13 11.82 -12.26
N GLY B 5 -7.24 12.26 -12.87
CA GLY B 5 -8.14 13.17 -12.19
C GLY B 5 -9.58 13.07 -12.68
N GLY B 6 -10.51 13.38 -11.78
CA GLY B 6 -11.90 13.59 -12.17
C GLY B 6 -12.85 13.35 -11.01
N PHE B 7 -14.13 13.58 -11.31
CA PHE B 7 -15.20 13.17 -10.39
C PHE B 7 -15.31 11.66 -10.40
N VAL B 8 -15.71 11.13 -9.28
CA VAL B 8 -15.81 9.69 -9.06
C VAL B 8 -17.27 9.35 -8.84
N ASP B 9 -17.65 8.18 -9.30
CA ASP B 9 -18.84 7.64 -8.68
C ASP B 9 -18.43 6.81 -7.46
N VAL B 10 -19.43 6.40 -6.69
CA VAL B 10 -19.22 5.76 -5.40
C VAL B 10 -19.99 4.45 -5.42
N VAL B 11 -19.31 3.37 -5.19
CA VAL B 11 -19.93 2.06 -5.29
C VAL B 11 -19.58 1.27 -4.02
N SER B 12 -20.48 0.36 -3.65
CA SER B 12 -20.21 -0.50 -2.50
C SER B 12 -20.37 -1.95 -2.93
N CYS B 13 -19.57 -2.80 -2.30
CA CYS B 13 -19.32 -4.17 -2.74
C CYS B 13 -19.17 -4.22 -4.27
N PRO B 14 -18.15 -3.51 -4.84
CA PRO B 14 -17.89 -3.40 -6.28
C PRO B 14 -17.68 -4.76 -6.94
N GLN B 18 -24.98 -7.44 -6.63
CA GLN B 18 -24.02 -7.30 -7.74
C GLN B 18 -23.26 -5.97 -7.66
N GLU B 19 -23.98 -4.84 -7.70
CA GLU B 19 -23.31 -3.56 -7.61
C GLU B 19 -24.32 -2.54 -7.10
N LEU B 20 -23.91 -1.72 -6.13
CA LEU B 20 -24.74 -0.64 -5.61
C LEU B 20 -24.02 0.69 -5.79
N TYR B 21 -24.61 1.55 -6.59
CA TYR B 21 -24.15 2.92 -6.76
C TYR B 21 -24.79 3.78 -5.69
N LEU B 22 -23.95 4.35 -4.83
CA LEU B 22 -24.33 5.33 -3.84
C LEU B 22 -24.53 6.69 -4.48
N ASP B 23 -25.39 7.49 -3.89
CA ASP B 23 -25.33 8.92 -4.15
C ASP B 23 -24.06 9.46 -3.48
N PRO B 24 -23.17 10.14 -4.21
CA PRO B 24 -21.99 10.71 -3.58
C PRO B 24 -22.25 11.48 -2.27
N ASP B 25 -23.43 12.13 -2.16
CA ASP B 25 -23.78 12.84 -0.94
C ASP B 25 -23.80 11.94 0.29
N GLN B 26 -24.07 10.66 0.11
CA GLN B 26 -24.10 9.74 1.25
C GLN B 26 -22.77 9.63 1.98
N VAL B 27 -21.65 10.02 1.35
CA VAL B 27 -20.33 9.75 1.92
C VAL B 27 -19.53 11.02 2.07
N THR B 28 -20.15 12.16 1.77
CA THR B 28 -19.54 13.47 1.96
C THR B 28 -19.01 13.69 3.37
N ASP B 29 -19.61 13.06 4.39
CA ASP B 29 -19.15 13.28 5.77
C ASP B 29 -17.74 12.73 6.03
N TYR B 30 -17.22 11.86 5.17
CA TYR B 30 -15.90 11.26 5.36
C TYR B 30 -14.84 11.91 4.48
N LEU B 31 -15.21 12.96 3.78
CA LEU B 31 -14.35 13.81 3.00
C LEU B 31 -13.90 14.99 3.87
N PRO B 32 -12.70 15.51 3.64
CA PRO B 32 -11.82 15.05 2.55
C PRO B 32 -11.06 13.79 2.92
N VAL B 33 -10.50 13.10 1.93
CA VAL B 33 -9.52 12.06 2.16
C VAL B 33 -8.18 12.63 1.75
N THR B 34 -7.29 12.76 2.73
CA THR B 34 -5.99 13.37 2.49
C THR B 34 -4.81 12.42 2.67
N GLU B 35 -5.08 11.15 3.03
CA GLU B 35 -4.24 9.96 3.16
C GLU B 35 -4.41 9.06 1.93
N PRO B 36 -3.35 8.43 1.47
CA PRO B 36 -3.41 7.75 0.16
C PRO B 36 -4.34 6.53 0.19
N LEU B 37 -5.18 6.44 -0.80
CA LEU B 37 -5.89 5.20 -1.10
C LEU B 37 -5.25 4.55 -2.29
N PRO B 38 -5.19 3.23 -2.38
CA PRO B 38 -4.64 2.61 -3.59
C PRO B 38 -5.55 2.92 -4.80
N ILE B 39 -4.93 3.10 -5.96
CA ILE B 39 -5.67 3.15 -7.24
C ILE B 39 -5.49 1.78 -7.91
N THR B 40 -6.59 1.14 -8.23
CA THR B 40 -6.60 -0.21 -8.77
C THR B 40 -7.35 -0.23 -10.10
N ILE B 41 -7.42 -1.41 -10.72
CA ILE B 41 -8.08 -1.61 -12.00
C ILE B 41 -9.34 -2.44 -11.77
N GLU B 42 -10.52 -1.87 -12.08
CA GLU B 42 -11.81 -2.59 -12.12
C GLU B 42 -12.10 -3.29 -10.80
N HIS B 43 -11.69 -2.69 -9.70
CA HIS B 43 -11.84 -3.29 -8.38
C HIS B 43 -11.19 -4.66 -8.30
N LEU B 44 -10.23 -4.98 -9.14
CA LEU B 44 -9.62 -6.30 -9.11
C LEU B 44 -8.46 -6.36 -8.09
N PRO B 45 -8.25 -7.53 -7.47
CA PRO B 45 -7.10 -7.66 -6.57
C PRO B 45 -5.79 -7.70 -7.34
N GLU B 46 -4.73 -7.24 -6.71
CA GLU B 46 -3.41 -7.33 -7.33
C GLU B 46 -3.35 -6.49 -8.60
N THR B 47 -4.09 -5.40 -8.62
CA THR B 47 -3.97 -4.48 -9.73
C THR B 47 -3.74 -3.06 -9.23
N GLU B 48 -3.00 -2.88 -8.12
CA GLU B 48 -2.65 -1.51 -7.71
C GLU B 48 -1.71 -0.90 -8.74
N VAL B 49 -2.03 0.32 -9.17
CA VAL B 49 -1.20 1.02 -10.13
C VAL B 49 -0.68 2.33 -9.58
N GLY B 50 -1.12 2.73 -8.39
CA GLY B 50 -0.66 3.99 -7.81
C GLY B 50 -1.50 4.37 -6.59
N TRP B 51 -1.61 5.68 -6.35
CA TRP B 51 -2.13 6.14 -5.06
C TRP B 51 -2.89 7.45 -5.26
N THR B 52 -3.98 7.63 -4.50
CA THR B 52 -4.72 8.87 -4.59
C THR B 52 -3.97 9.97 -3.86
N LEU B 53 -4.03 11.17 -4.45
CA LEU B 53 -3.47 12.41 -3.92
C LEU B 53 -4.60 13.32 -3.47
N GLY B 54 -5.57 12.79 -2.75
CA GLY B 54 -6.65 13.66 -2.33
C GLY B 54 -8.00 13.42 -2.98
N LEU B 55 -9.03 13.34 -2.14
CA LEU B 55 -10.42 13.30 -2.58
C LEU B 55 -11.15 14.40 -1.84
N PHE B 56 -11.75 15.30 -2.60
CA PHE B 56 -12.31 16.54 -2.08
C PHE B 56 -13.72 16.73 -2.61
N GLN B 57 -14.60 17.21 -1.72
CA GLN B 57 -15.94 17.61 -2.12
C GLN B 57 -15.86 18.93 -2.87
N VAL B 58 -16.13 18.90 -4.18
CA VAL B 58 -16.06 20.09 -5.03
C VAL B 58 -17.26 20.10 -5.98
N SER B 59 -17.84 21.28 -6.16
CA SER B 59 -18.93 21.45 -7.15
C SER B 59 -20.03 20.44 -6.81
N HIS B 60 -20.56 19.72 -7.76
CA HIS B 60 -21.38 18.56 -7.45
C HIS B 60 -20.42 17.42 -7.07
N GLY B 61 -20.85 16.52 -6.24
CA GLY B 61 -19.85 15.40 -6.13
C GLY B 61 -18.42 15.54 -5.54
N ILE B 62 -17.59 14.56 -5.92
CA ILE B 62 -16.32 14.27 -5.27
C ILE B 62 -15.25 14.19 -6.36
N PHE B 63 -14.20 15.00 -6.21
CA PHE B 63 -13.13 15.07 -7.18
C PHE B 63 -11.90 14.37 -6.61
N CYS B 64 -11.27 13.50 -7.42
CA CYS B 64 -10.12 12.71 -7.02
C CYS B 64 -8.93 13.06 -7.89
N THR B 65 -7.76 13.24 -7.30
CA THR B 65 -6.54 13.30 -8.08
C THR B 65 -5.65 12.14 -7.64
N GLY B 66 -4.91 11.57 -8.58
CA GLY B 66 -4.06 10.45 -8.22
C GLY B 66 -2.80 10.42 -9.05
N ALA B 67 -1.87 9.61 -8.58
CA ALA B 67 -0.62 9.32 -9.25
C ALA B 67 -0.64 7.87 -9.71
N ILE B 68 -0.41 7.65 -10.99
CA ILE B 68 -0.13 6.32 -11.53
C ILE B 68 1.37 6.17 -11.47
N THR B 69 1.86 5.26 -10.59
CA THR B 69 3.30 5.09 -10.33
C THR B 69 3.83 3.68 -10.57
N SER B 70 2.96 2.69 -10.76
CA SER B 70 3.44 1.34 -10.94
C SER B 70 4.29 1.23 -12.21
N PRO B 71 5.57 0.95 -12.09
CA PRO B 71 6.42 0.79 -13.28
C PRO B 71 5.95 -0.29 -14.25
N ALA B 72 5.49 -1.44 -13.76
CA ALA B 72 5.06 -2.49 -14.68
C ALA B 72 3.79 -2.06 -15.41
N PHE B 73 2.84 -1.47 -14.70
CA PHE B 73 1.65 -0.99 -15.39
C PHE B 73 1.99 0.13 -16.36
N LEU B 74 2.86 1.08 -15.96
CA LEU B 74 3.16 2.21 -16.84
C LEU B 74 3.84 1.76 -18.12
N GLU B 75 4.76 0.80 -18.02
CA GLU B 75 5.44 0.28 -19.20
C GLU B 75 4.48 -0.52 -20.08
N LEU B 76 3.68 -1.38 -19.48
CA LEU B 76 2.70 -2.13 -20.26
C LEU B 76 1.68 -1.20 -20.91
N ALA B 77 1.16 -0.23 -20.18
CA ALA B 77 0.18 0.64 -20.84
C ALA B 77 0.83 1.40 -21.99
N SER B 78 2.15 1.69 -21.89
CA SER B 78 2.84 2.41 -22.95
C SER B 78 3.11 1.54 -24.18
N ARG B 79 3.64 0.33 -23.95
CA ARG B 79 3.71 -0.64 -25.05
C ARG B 79 2.33 -0.83 -25.71
N LEU B 80 1.26 -0.98 -24.94
CA LEU B 80 -0.05 -1.20 -25.57
C LEU B 80 -0.43 0.00 -26.45
N ALA B 81 -0.23 1.21 -25.91
CA ALA B 81 -0.65 2.44 -26.60
C ALA B 81 0.00 2.57 -27.96
N ASP B 82 1.25 2.16 -28.07
CA ASP B 82 2.00 2.39 -29.30
C ASP B 82 2.12 1.16 -30.19
N THR B 83 1.91 -0.06 -29.69
CA THR B 83 2.13 -1.24 -30.54
C THR B 83 0.91 -2.16 -30.69
N SER B 84 -0.14 -1.98 -29.90
CA SER B 84 -1.32 -2.84 -30.03
C SER B 84 -2.27 -2.31 -31.10
N HIS B 85 -2.53 -3.13 -32.12
CA HIS B 85 -3.55 -2.74 -33.09
C HIS B 85 -4.94 -2.70 -32.47
N VAL B 86 -5.27 -3.66 -31.60
CA VAL B 86 -6.58 -3.63 -30.94
C VAL B 86 -6.75 -2.36 -30.11
N ALA B 87 -5.76 -2.07 -29.26
CA ALA B 87 -5.90 -0.93 -28.35
C ALA B 87 -6.10 0.39 -29.09
N ARG B 88 -5.56 0.53 -30.29
CA ARG B 88 -5.68 1.80 -31.01
C ARG B 88 -6.98 1.89 -31.80
N ALA B 89 -7.60 0.75 -32.14
CA ALA B 89 -8.78 0.69 -33.02
C ALA B 89 -9.86 1.70 -32.64
N PRO B 90 -10.47 1.62 -31.45
CA PRO B 90 -11.61 2.48 -31.13
C PRO B 90 -11.23 3.89 -30.71
N VAL B 91 -9.95 4.24 -30.75
CA VAL B 91 -9.53 5.58 -30.35
C VAL B 91 -9.90 6.55 -31.45
N LYS B 92 -10.56 7.64 -31.07
CA LYS B 92 -10.85 8.75 -31.99
C LYS B 92 -9.59 9.20 -32.72
N ASN B 93 -9.75 9.55 -33.98
CA ASN B 93 -8.75 10.32 -34.72
C ASN B 93 -7.34 9.74 -34.57
N LEU B 94 -6.35 10.62 -34.69
CA LEU B 94 -4.92 10.30 -34.62
C LEU B 94 -4.41 10.98 -33.36
N PRO B 95 -4.39 10.30 -32.21
CA PRO B 95 -4.15 11.00 -30.95
C PRO B 95 -2.79 11.68 -30.94
N LYS B 96 -2.76 12.91 -30.42
CA LYS B 96 -1.46 13.53 -30.24
C LYS B 96 -0.70 12.87 -29.10
N GLU B 97 -1.41 12.28 -28.14
CA GLU B 97 -0.81 11.66 -26.95
C GLU B 97 -1.34 10.24 -26.81
N PRO B 98 -0.77 9.27 -27.52
CA PRO B 98 -1.31 7.90 -27.49
C PRO B 98 -1.54 7.36 -26.09
N LEU B 99 -0.54 7.38 -25.22
CA LEU B 99 -0.74 6.82 -23.88
C LEU B 99 -1.93 7.48 -23.18
N LEU B 100 -2.00 8.83 -23.20
CA LEU B 100 -3.08 9.50 -22.49
C LEU B 100 -4.44 9.11 -23.08
N GLU B 101 -4.52 8.96 -24.40
CA GLU B 101 -5.84 8.73 -24.97
C GLU B 101 -6.23 7.26 -24.87
N ILE B 102 -5.23 6.39 -24.83
CA ILE B 102 -5.49 4.98 -24.62
C ILE B 102 -6.06 4.74 -23.23
N LEU B 103 -5.47 5.39 -22.20
CA LEU B 103 -6.03 5.28 -20.85
C LEU B 103 -7.44 5.88 -20.80
N HIS B 104 -7.61 7.05 -21.41
CA HIS B 104 -8.92 7.70 -21.43
C HIS B 104 -9.97 6.84 -22.16
N THR B 105 -9.60 6.19 -23.28
CA THR B 105 -10.61 5.44 -24.02
C THR B 105 -10.97 4.14 -23.32
N TRP B 106 -9.98 3.40 -22.82
CA TRP B 106 -10.26 2.08 -22.26
C TRP B 106 -10.58 2.08 -20.78
N LEU B 107 -10.15 3.11 -20.04
CA LEU B 107 -10.42 3.21 -18.60
C LEU B 107 -11.08 4.56 -18.32
N PRO B 108 -12.31 4.79 -18.84
CA PRO B 108 -12.89 6.15 -18.82
C PRO B 108 -13.49 6.59 -17.51
N GLY B 109 -13.64 5.69 -16.54
CA GLY B 109 -14.40 5.98 -15.34
C GLY B 109 -13.56 5.83 -14.08
N LEU B 110 -13.88 6.63 -13.07
CA LEU B 110 -13.26 6.57 -11.76
C LEU B 110 -14.32 6.16 -10.75
N SER B 111 -14.02 5.15 -9.94
CA SER B 111 -14.99 4.56 -9.04
C SER B 111 -14.40 4.41 -7.64
N LEU B 112 -14.94 5.18 -6.69
CA LEU B 112 -14.58 5.12 -5.29
C LEU B 112 -15.32 3.98 -4.58
N SER B 113 -14.56 3.02 -4.05
CA SER B 113 -15.14 1.87 -3.38
C SER B 113 -15.36 2.19 -1.91
N SER B 114 -16.60 2.04 -1.46
CA SER B 114 -17.01 2.43 -0.12
C SER B 114 -17.64 1.25 0.59
N ILE B 115 -17.66 1.34 1.93
CA ILE B 115 -18.46 0.38 2.70
C ILE B 115 -19.95 0.61 2.45
N HIS B 116 -20.73 -0.47 2.53
CA HIS B 116 -22.17 -0.39 2.24
C HIS B 116 -22.84 0.61 3.17
N PRO B 117 -23.85 1.36 2.68
CA PRO B 117 -24.42 2.46 3.50
C PRO B 117 -24.81 2.09 4.94
N ARG B 118 -25.57 1.00 5.11
CA ARG B 118 -26.07 0.63 6.43
C ARG B 118 -24.95 0.32 7.42
N GLU B 119 -23.75 -0.06 6.93
CA GLU B 119 -22.56 -0.34 7.76
C GLU B 119 -21.61 0.85 7.93
N GLY B 126 -13.74 -1.34 9.37
CA GLY B 126 -12.65 -0.40 9.51
C GLY B 126 -12.89 0.95 8.87
N PRO B 127 -12.12 1.27 7.84
CA PRO B 127 -12.25 2.55 7.16
C PRO B 127 -13.40 2.57 6.14
N VAL B 128 -13.90 3.78 5.86
CA VAL B 128 -15.04 3.92 4.95
C VAL B 128 -14.67 3.52 3.53
N PHE B 129 -13.49 3.96 3.06
CA PHE B 129 -13.05 3.79 1.67
C PHE B 129 -11.93 2.76 1.57
N GLN B 130 -12.01 1.89 0.54
CA GLN B 130 -10.97 0.89 0.34
C GLN B 130 -10.01 1.21 -0.81
N HIS B 131 -10.48 1.85 -1.88
CA HIS B 131 -9.64 2.14 -3.04
C HIS B 131 -10.44 3.01 -4.01
N VAL B 132 -9.74 3.58 -4.98
CA VAL B 132 -10.34 4.18 -6.17
C VAL B 132 -9.90 3.34 -7.37
N SER B 133 -10.85 2.97 -8.22
CA SER B 133 -10.59 2.08 -9.35
C SER B 133 -10.64 2.82 -10.68
N LEU B 134 -9.69 2.53 -11.54
CA LEU B 134 -9.78 2.89 -12.95
C LEU B 134 -10.70 1.85 -13.62
N CYS B 135 -11.81 2.30 -14.19
CA CYS B 135 -12.87 1.39 -14.60
C CYS B 135 -13.03 1.33 -16.10
N ALA B 136 -13.02 0.11 -16.63
CA ALA B 136 -13.37 -0.13 -18.02
C ALA B 136 -14.79 -0.62 -18.23
N LEU B 137 -15.44 -1.13 -17.19
CA LEU B 137 -16.75 -1.75 -17.40
C LEU B 137 -17.89 -0.94 -16.79
N GLY B 138 -17.60 0.30 -16.36
CA GLY B 138 -18.51 1.08 -15.56
C GLY B 138 -19.55 1.82 -16.42
N ARG B 139 -20.29 2.69 -15.75
CA ARG B 139 -21.39 3.41 -16.35
C ARG B 139 -20.89 4.56 -17.21
N ARG B 140 -21.80 5.08 -18.04
CA ARG B 140 -21.50 6.17 -18.96
C ARG B 140 -21.87 7.54 -18.38
N ARG B 141 -22.00 7.63 -17.04
CA ARG B 141 -22.35 8.86 -16.37
C ARG B 141 -21.65 8.90 -15.01
N GLY B 142 -21.64 10.10 -14.42
CA GLY B 142 -21.12 10.30 -13.09
C GLY B 142 -19.61 10.44 -12.97
N THR B 143 -18.83 10.07 -13.99
CA THR B 143 -17.37 10.07 -13.87
C THR B 143 -16.74 10.12 -15.24
N VAL B 144 -15.71 10.97 -15.42
CA VAL B 144 -14.81 10.91 -16.56
C VAL B 144 -13.38 11.00 -16.02
N ALA B 145 -12.58 9.97 -16.31
CA ALA B 145 -11.17 9.88 -15.92
C ALA B 145 -10.31 10.60 -16.96
N VAL B 146 -9.54 11.59 -16.50
CA VAL B 146 -8.61 12.36 -17.33
C VAL B 146 -7.18 12.04 -16.87
N TYR B 147 -6.35 11.58 -17.83
CA TYR B 147 -4.95 11.20 -17.62
C TYR B 147 -4.02 12.25 -18.21
N GLY B 148 -2.96 12.61 -17.49
CA GLY B 148 -2.07 13.65 -17.96
C GLY B 148 -0.68 13.49 -17.40
N HIS B 149 0.24 14.32 -17.90
CA HIS B 149 1.65 14.26 -17.48
C HIS B 149 1.96 15.13 -16.27
N ASP B 150 1.11 16.09 -15.95
CA ASP B 150 1.23 16.79 -14.69
C ASP B 150 -0.15 17.09 -14.13
N ALA B 151 -0.18 17.40 -12.84
CA ALA B 151 -1.46 17.51 -12.16
C ALA B 151 -2.26 18.70 -12.68
N GLU B 152 -1.59 19.81 -12.99
CA GLU B 152 -2.28 21.03 -13.37
C GLU B 152 -2.95 20.85 -14.72
N TRP B 153 -2.28 20.16 -15.65
CA TRP B 153 -2.91 19.81 -16.92
C TRP B 153 -4.22 19.03 -16.70
N VAL B 154 -4.25 18.09 -15.78
CA VAL B 154 -5.46 17.32 -15.53
C VAL B 154 -6.51 18.21 -14.88
N VAL B 155 -6.15 18.82 -13.75
CA VAL B 155 -7.13 19.58 -12.99
C VAL B 155 -7.69 20.74 -13.80
N SER B 156 -6.95 21.20 -14.82
CA SER B 156 -7.42 22.23 -15.73
C SER B 156 -8.26 21.71 -16.89
N ARG B 157 -8.56 20.41 -16.96
CA ARG B 157 -9.31 19.89 -18.10
C ARG B 157 -10.80 19.83 -17.82
N PHE B 158 -11.29 20.54 -16.83
CA PHE B 158 -12.67 20.40 -16.45
C PHE B 158 -13.37 21.75 -16.62
N SER B 159 -14.68 21.73 -16.48
CA SER B 159 -15.43 22.97 -16.59
C SER B 159 -16.15 23.33 -15.32
N SER B 160 -16.53 22.36 -14.50
CA SER B 160 -17.31 22.64 -13.32
C SER B 160 -16.47 22.75 -12.06
N VAL B 161 -15.15 22.74 -12.18
CA VAL B 161 -14.30 22.87 -11.00
C VAL B 161 -13.90 24.34 -10.89
N SER B 162 -14.32 25.00 -9.81
CA SER B 162 -14.10 26.44 -9.70
C SER B 162 -12.61 26.79 -9.52
N LYS B 163 -12.29 28.07 -9.69
CA LYS B 163 -10.90 28.52 -9.53
C LYS B 163 -10.33 28.15 -8.17
N SER B 164 -11.10 28.44 -7.10
CA SER B 164 -10.60 28.17 -5.76
C SER B 164 -10.55 26.68 -5.48
N GLU B 165 -11.52 25.91 -5.99
CA GLU B 165 -11.44 24.46 -5.79
C GLU B 165 -10.19 23.91 -6.48
N ARG B 166 -9.93 24.40 -7.69
CA ARG B 166 -8.71 24.06 -8.42
C ARG B 166 -7.47 24.36 -7.60
N ALA B 167 -7.41 25.55 -7.01
CA ALA B 167 -6.24 25.93 -6.22
C ALA B 167 -6.11 25.00 -5.01
N HIS B 168 -7.23 24.72 -4.34
CA HIS B 168 -7.23 23.82 -3.19
C HIS B 168 -6.71 22.43 -3.59
N ILE B 169 -7.22 21.88 -4.71
CA ILE B 169 -6.82 20.55 -5.15
C ILE B 169 -5.31 20.51 -5.40
N LEU B 170 -4.78 21.51 -6.11
CA LEU B 170 -3.37 21.46 -6.48
C LEU B 170 -2.46 21.81 -5.32
N GLN B 171 -2.96 22.56 -4.33
CA GLN B 171 -2.23 22.72 -3.07
C GLN B 171 -2.00 21.38 -2.39
N HIS B 172 -3.05 20.57 -2.26
CA HIS B 172 -2.86 19.28 -1.62
C HIS B 172 -1.90 18.40 -2.45
N VAL B 173 -2.10 18.33 -3.79
CA VAL B 173 -1.21 17.46 -4.57
C VAL B 173 0.22 17.94 -4.45
N SER B 174 0.42 19.25 -4.39
CA SER B 174 1.75 19.77 -4.19
C SER B 174 2.34 19.33 -2.87
N SER B 175 1.51 19.16 -1.84
CA SER B 175 2.02 18.83 -0.52
C SER B 175 2.46 17.39 -0.44
N CYS B 176 2.05 16.58 -1.41
CA CYS B 176 2.36 15.16 -1.42
C CYS B 176 3.77 14.94 -1.96
N ARG B 177 4.52 14.04 -1.33
CA ARG B 177 5.83 13.64 -1.80
C ARG B 177 5.70 12.28 -2.50
N LEU B 178 5.86 12.28 -3.83
CA LEU B 178 5.57 11.10 -4.62
C LEU B 178 6.61 10.02 -4.42
N GLU B 179 7.86 10.42 -4.16
CA GLU B 179 8.91 9.44 -3.95
C GLU B 179 8.70 8.67 -2.66
N ASP B 180 7.88 9.17 -1.74
CA ASP B 180 7.56 8.43 -0.53
C ASP B 180 6.38 7.48 -0.66
N LEU B 181 5.70 7.42 -1.80
CA LEU B 181 4.58 6.49 -1.93
C LEU B 181 5.10 5.05 -2.05
N SER B 182 4.40 4.12 -1.40
CA SER B 182 4.72 2.71 -1.45
C SER B 182 4.65 2.17 -2.87
N THR B 183 5.34 1.03 -3.06
CA THR B 183 5.26 0.28 -4.30
C THR B 183 3.87 -0.31 -4.49
N PRO B 184 3.16 0.05 -5.56
CA PRO B 184 1.90 -0.62 -5.86
C PRO B 184 2.09 -2.10 -6.15
N ASN B 185 1.18 -2.90 -5.63
CA ASN B 185 1.19 -4.35 -5.82
C ASN B 185 0.36 -4.71 -7.04
N PHE B 186 1.06 -4.90 -8.17
CA PHE B 186 0.49 -5.01 -9.51
C PHE B 186 1.00 -6.27 -10.17
N VAL B 187 0.12 -7.15 -10.66
CA VAL B 187 0.58 -8.30 -11.41
C VAL B 187 0.12 -8.16 -12.86
N SER B 188 1.08 -8.28 -13.77
CA SER B 188 0.80 -8.30 -15.20
C SER B 188 0.12 -9.61 -15.54
N PRO B 189 -1.13 -9.59 -16.05
CA PRO B 189 -1.87 -10.86 -16.19
C PRO B 189 -1.34 -11.75 -17.29
N LEU B 190 -0.84 -11.18 -18.38
CA LEU B 190 -0.39 -11.97 -19.51
C LEU B 190 1.11 -12.08 -19.60
N GLU B 191 1.87 -11.21 -18.94
CA GLU B 191 3.35 -11.29 -18.92
C GLU B 191 3.93 -11.21 -20.33
N THR B 192 3.42 -10.33 -21.16
CA THR B 192 3.99 -10.24 -22.51
C THR B 192 5.35 -9.56 -22.50
N LEU B 193 5.68 -8.82 -21.46
CA LEU B 193 7.03 -8.24 -21.40
C LEU B 193 8.10 -9.35 -21.49
C11 8M4 C . 20.92 -2.25 9.87
C13 8M4 C . 21.22 -4.34 8.50
C14 8M4 C . 22.51 -4.44 9.31
C17 8M4 C . 21.46 -6.75 7.75
C19 8M4 C . 20.77 -2.23 11.26
C21 8M4 C . 22.15 -0.25 11.31
O01 8M4 C . 22.67 4.64 2.87
C02 8M4 C . 23.61 4.48 3.71
C03 8M4 C . 23.46 3.41 4.79
C04 8M4 C . 24.26 3.41 5.93
C05 8M4 C . 24.09 2.48 6.94
C06 8M4 C . 23.13 1.51 6.78
N07 8M4 C . 22.73 0.55 7.77
C08 8M4 C . 23.00 0.68 9.15
C09 8M4 C . 22.25 -0.37 9.95
N10 8M4 C . 21.60 -1.30 9.27
C12 8M4 C . 20.24 -3.33 9.09
C15 8M4 C . 23.40 -5.48 8.65
C16 8M4 C . 22.70 -6.83 8.60
C18 8M4 C . 20.53 -5.69 8.33
C20 8M4 C . 21.41 -1.23 11.98
O22 8M4 C . 23.69 1.52 9.62
C23 8M4 C . 22.28 1.53 5.69
N24 8M4 C . 21.24 0.52 5.58
C25 8M4 C . 21.58 -0.88 5.28
C26 8M4 C . 22.91 -1.37 5.30
C27 8M4 C . 23.18 -2.71 4.99
C28 8M4 C . 22.12 -3.59 4.70
O29 8M4 C . 22.40 -4.95 4.40
C30 8M4 C . 21.35 -5.84 4.05
C31 8M4 C . 20.79 -3.10 4.69
C32 8M4 C . 20.54 -1.76 4.96
C33 8M4 C . 22.45 2.48 4.69
O34 8M4 C . 24.58 5.28 3.73
H141 8M4 C . 22.97 -3.59 9.30
H171 8M4 C . 21.00 -7.62 7.78
H191 8M4 C . 20.29 -2.90 11.69
H211 8M4 C . 22.57 0.43 11.77
H041 8M4 C . 24.92 4.06 6.02
H051 8M4 C . 24.64 2.49 7.69
H071 8M4 C . 22.15 -0.04 7.53
H121 8M4 C . 19.62 -3.81 9.66
H122 8M4 C . 19.75 -2.91 8.36
H151 8M4 C . 24.22 -5.58 9.17
H161 8M4 C . 23.30 -7.49 8.22
H181 8M4 C . 19.77 -5.58 7.73
H201 8M4 C . 21.33 -1.20 12.91
H241 8M4 C . 20.41 0.74 5.69
H261 8M4 C . 23.61 -0.79 5.50
H271 8M4 C . 24.05 -3.03 5.01
H302 8M4 C . 21.16 -5.74 3.10
H301 8M4 C . 20.56 -5.63 4.56
H303 8M4 C . 21.64 -6.76 4.22
H311 8M4 C . 20.09 -3.67 4.49
H321 8M4 C . 19.66 -1.45 4.97
H331 8M4 C . 21.91 2.47 3.94
C11 8M4 D . 26.46 -1.67 9.23
C13 8M4 D . 27.88 0.32 8.77
C14 8M4 D . 28.66 0.53 10.09
C17 8M4 D . 28.55 2.75 8.17
C19 8M4 D . 25.73 -2.28 10.24
C21 8M4 D . 26.62 -4.43 9.58
O01 8M4 D . 30.87 -4.78 0.87
C02 8M4 D . 31.22 -5.26 1.98
C03 8M4 D . 30.63 -4.78 3.28
C04 8M4 D . 31.03 -5.41 4.44
C05 8M4 D . 30.47 -5.04 5.66
C06 8M4 D . 29.53 -4.04 5.60
N07 8M4 D . 28.75 -3.52 6.67
C08 8M4 D . 28.22 -4.42 7.64
C09 8M4 D . 27.34 -3.75 8.64
N10 8M4 D . 27.21 -2.43 8.46
C12 8M4 D . 26.43 -0.16 8.99
C15 8M4 D . 29.64 1.74 10.20
C16 8M4 D . 29.88 2.44 8.86
C18 8M4 D . 27.70 1.53 7.84
C20 8M4 D . 25.80 -3.64 10.41
O22 8M4 D . 28.46 -5.57 7.61
C23 8M4 D . 29.09 -3.46 4.46
N24 8M4 D . 28.05 -2.47 4.72
C25 8M4 D . 27.92 -1.22 4.07
C26 8M4 D . 26.65 -0.75 3.84
C27 8M4 D . 26.45 0.45 3.21
C28 8M4 D . 27.53 1.20 2.78
O29 8M4 D . 27.27 2.42 2.11
C30 8M4 D . 26.17 3.18 2.59
C31 8M4 D . 28.84 0.73 3.01
C32 8M4 D . 29.03 -0.49 3.68
C33 8M4 D . 29.62 -3.81 3.25
O34 8M4 D . 31.98 -6.23 2.07
C11 8M4 E . -6.71 -3.34 -23.83
C13 8M4 E . -6.03 -2.13 -21.73
C14 8M4 E . -5.34 -1.04 -22.52
C17 8M4 E . -5.65 -0.76 -19.55
C19 8M4 E . -7.24 -2.97 -25.09
C21 8M4 E . -5.76 -4.60 -26.05
O01 8M4 E . 0.05 -8.65 -18.97
C02 8M4 E . 0.26 -8.35 -20.18
C03 8M4 E . -0.90 -7.78 -20.99
C04 8M4 E . -0.82 -7.75 -22.37
C05 8M4 E . -1.83 -7.26 -23.14
C06 8M4 E . -2.97 -6.84 -22.45
N07 8M4 E . -4.00 -6.15 -23.09
C08 8M4 E . -4.24 -5.95 -24.49
C09 8M4 E . -5.33 -4.90 -24.76
N10 8M4 E . -5.77 -4.27 -23.72
C12 8M4 E . -7.21 -2.64 -22.56
C15 8M4 E . -4.33 -0.25 -21.67
C16 8M4 E . -4.98 0.30 -20.39
C18 8M4 E . -6.59 -1.68 -20.37
C20 8M4 E . -6.75 -3.61 -26.22
O22 8M4 E . -3.72 -6.58 -25.33
C23 8M4 E . -3.04 -6.82 -21.08
N24 8M4 E . -4.22 -6.33 -20.46
C25 8M4 E . -4.24 -5.79 -19.12
C26 8M4 E . -3.47 -4.69 -18.78
C27 8M4 E . -3.50 -4.17 -17.49
C28 8M4 E . -4.28 -4.75 -16.54
O29 8M4 E . -4.26 -4.19 -15.26
C30 8M4 E . -5.07 -4.80 -14.27
C31 8M4 E . -5.07 -5.86 -16.86
C32 8M4 E . -5.03 -6.38 -18.13
C33 8M4 E . -2.00 -7.32 -20.33
O34 8M4 E . 1.43 -8.44 -20.70
H141 8M4 E . -4.87 -1.44 -23.27
H171 8M4 E . -4.96 -1.31 -19.12
H191 8M4 E . -7.89 -2.31 -25.16
H211 8M4 E . -5.42 -5.05 -26.78
H041 8M4 E . -0.04 -8.07 -22.79
H051 8M4 E . -1.76 -7.20 -24.06
H071 8M4 E . -4.41 -5.57 -22.58
H121 8M4 E . -7.78 -1.90 -22.80
H122 8M4 E . -7.72 -3.28 -22.03
H151 8M4 E . -3.98 0.49 -22.19
H161 8M4 E . -4.29 0.74 -19.85
H181 8M4 E . -7.43 -1.22 -20.51
H201 8M4 E . -7.08 -3.40 -27.07
H241 8M4 E . -4.96 -6.35 -20.90
H261 8M4 E . -2.93 -4.28 -19.43
H271 8M4 E . -2.97 -3.43 -17.29
H302 8M4 E . -5.28 -4.15 -13.58
H301 8M4 E . -4.60 -5.55 -13.90
H303 8M4 E . -5.90 -5.10 -14.69
H311 8M4 E . -5.60 -6.26 -16.21
H321 8M4 E . -5.56 -7.11 -18.35
H331 8M4 E . -2.06 -7.37 -19.40
#